data_6BY9
#
_entry.id   6BY9
#
_cell.length_a   53.681
_cell.length_b   53.681
_cell.length_c   204.450
_cell.angle_alpha   90.000
_cell.angle_beta   90.000
_cell.angle_gamma   120.000
#
_symmetry.space_group_name_H-M   'P 31 2 1'
#
loop_
_entity.id
_entity.type
_entity.pdbx_description
1 polymer 'Histone-lysine N-methyltransferase EHMT1'
2 non-polymer 'UNKNOWN ATOM OR ION'
3 water water
#
_entity_poly.entity_id   1
_entity_poly.type   'polypeptide(L)'
_entity_poly.pdbx_seq_one_letter_code
;GSAAGPPLSEDDKLQGAASHVPEGFDPTGPAGLGRPTPGLSQGPGKETLESALIALDSEKPKKLRFHPKQLYFSARQGEL
QKVLLMLVDGIDPNFKMEHQNKRSPLHAAAEAGHVDICHMLVQAGANIDTCSEDQRTPLMEAAENNHLEAVKYLIKAGAL
VDPKDAEGSTCLHLAAKKGHYEVVQYLLSNGQMDVNCQDDGGWTPMIWATEYKHVDLVKLLLSKGSDINIRDNEENICLH
WAAFSGCVDIAEILLAAKCDLHAVNIHGDSPLHIAARENRYDCVVLFLSRDSDVTLKNKEGETPLQCASLNSQVWSALQM
SKALQDSA
;
_entity_poly.pdbx_strand_id   A
#
loop_
_chem_comp.id
_chem_comp.type
_chem_comp.name
_chem_comp.formula
UNX non-polymer 'UNKNOWN ATOM OR ION' ?
#
# COMPACT_ATOMS: atom_id res chain seq x y z
N LYS A 60 40.34 -17.67 24.19
CA LYS A 60 39.51 -16.58 23.66
C LYS A 60 39.98 -16.06 22.27
N PRO A 61 41.30 -15.98 21.91
CA PRO A 61 41.66 -15.43 20.57
C PRO A 61 41.29 -16.34 19.37
N LYS A 62 40.55 -15.75 18.39
CA LYS A 62 40.09 -16.42 17.16
C LYS A 62 40.89 -15.94 15.95
N LYS A 63 41.39 -16.88 15.11
CA LYS A 63 42.15 -16.57 13.89
C LYS A 63 41.26 -15.88 12.87
N LEU A 64 40.07 -16.47 12.60
CA LEU A 64 39.08 -15.92 11.70
C LEU A 64 38.04 -15.17 12.55
N ARG A 65 38.12 -13.81 12.53
CA ARG A 65 37.24 -12.92 13.29
C ARG A 65 36.30 -12.15 12.37
N PHE A 66 35.03 -12.02 12.79
CA PHE A 66 34.01 -11.31 12.03
C PHE A 66 33.53 -10.08 12.76
N HIS A 67 33.17 -9.04 11.99
CA HIS A 67 32.61 -7.80 12.54
C HIS A 67 31.09 -7.98 12.63
N PRO A 68 30.41 -7.42 13.66
CA PRO A 68 28.95 -7.63 13.80
C PRO A 68 28.12 -7.23 12.57
N LYS A 69 28.50 -6.12 11.91
CA LYS A 69 27.83 -5.57 10.73
C LYS A 69 27.95 -6.46 9.50
N GLN A 70 28.98 -7.30 9.42
CA GLN A 70 29.25 -8.20 8.28
C GLN A 70 28.12 -9.21 8.04
N LEU A 71 27.43 -9.66 9.10
CA LEU A 71 26.32 -10.62 9.01
C LEU A 71 25.12 -10.00 8.29
N TYR A 72 24.83 -8.71 8.56
CA TYR A 72 23.72 -7.98 7.96
C TYR A 72 23.89 -7.85 6.44
N PHE A 73 25.05 -7.35 5.99
CA PHE A 73 25.39 -7.13 4.58
C PHE A 73 25.51 -8.43 3.78
N SER A 74 25.92 -9.52 4.44
CA SER A 74 26.04 -10.84 3.79
C SER A 74 24.66 -11.45 3.57
N ALA A 75 23.70 -11.13 4.47
CA ALA A 75 22.30 -11.55 4.36
C ALA A 75 21.65 -10.77 3.22
N ARG A 76 22.04 -9.48 3.04
CA ARG A 76 21.58 -8.57 2.00
C ARG A 76 22.06 -9.02 0.61
N GLN A 77 23.34 -9.44 0.52
CA GLN A 77 23.99 -9.88 -0.73
C GLN A 77 23.68 -11.33 -1.12
N GLY A 78 23.06 -12.08 -0.21
CA GLY A 78 22.71 -13.48 -0.43
C GLY A 78 23.90 -14.39 -0.51
N GLU A 79 24.91 -14.14 0.35
CA GLU A 79 26.13 -14.93 0.46
C GLU A 79 25.85 -16.00 1.51
N LEU A 80 25.20 -17.09 1.07
CA LEU A 80 24.77 -18.22 1.90
C LEU A 80 25.92 -18.87 2.70
N GLN A 81 27.08 -19.10 2.06
CA GLN A 81 28.25 -19.74 2.70
C GLN A 81 28.91 -18.82 3.75
N LYS A 82 28.92 -17.48 3.54
CA LYS A 82 29.46 -16.51 4.47
C LYS A 82 28.57 -16.40 5.73
N VAL A 83 27.22 -16.36 5.55
CA VAL A 83 26.22 -16.29 6.64
C VAL A 83 26.36 -17.57 7.52
N LEU A 84 26.50 -18.76 6.88
CA LEU A 84 26.68 -20.07 7.53
C LEU A 84 27.90 -20.04 8.48
N LEU A 85 29.07 -19.58 7.97
CA LEU A 85 30.33 -19.49 8.70
C LEU A 85 30.22 -18.50 9.90
N MET A 86 29.58 -17.33 9.69
CA MET A 86 29.40 -16.33 10.73
C MET A 86 28.46 -16.84 11.82
N LEU A 87 27.38 -17.54 11.45
CA LEU A 87 26.42 -18.08 12.42
C LEU A 87 27.02 -19.19 13.26
N VAL A 88 27.93 -19.99 12.68
CA VAL A 88 28.65 -21.09 13.34
C VAL A 88 29.66 -20.49 14.34
N ASP A 89 30.29 -19.35 13.99
CA ASP A 89 31.25 -18.67 14.86
C ASP A 89 30.53 -17.98 16.07
N GLY A 90 29.22 -18.20 16.18
CA GLY A 90 28.41 -17.70 17.27
C GLY A 90 28.06 -16.22 17.23
N ILE A 91 28.04 -15.62 16.03
CA ILE A 91 27.65 -14.24 15.83
C ILE A 91 26.15 -14.22 16.04
N ASP A 92 25.66 -13.35 16.96
CA ASP A 92 24.24 -13.20 17.30
C ASP A 92 23.37 -12.89 16.06
N PRO A 93 22.42 -13.78 15.68
CA PRO A 93 21.57 -13.48 14.51
C PRO A 93 20.57 -12.37 14.81
N ASN A 94 20.39 -12.04 16.11
CA ASN A 94 19.46 -11.02 16.60
C ASN A 94 20.12 -9.64 16.81
N PHE A 95 21.29 -9.41 16.15
CA PHE A 95 21.99 -8.12 16.21
C PHE A 95 21.13 -7.03 15.56
N LYS A 96 21.23 -5.79 16.06
CA LYS A 96 20.51 -4.65 15.50
C LYS A 96 21.54 -3.61 15.04
N MET A 97 21.40 -3.13 13.79
CA MET A 97 22.30 -2.15 13.17
C MET A 97 22.03 -0.74 13.69
N GLU A 98 22.87 -0.29 14.66
CA GLU A 98 22.80 1.00 15.36
C GLU A 98 22.64 2.18 14.41
N HIS A 99 23.64 2.42 13.54
CA HIS A 99 23.62 3.52 12.58
C HIS A 99 23.00 3.09 11.23
N GLN A 100 21.87 2.30 11.27
CA GLN A 100 21.19 1.80 10.07
C GLN A 100 19.74 1.34 10.39
N ASN A 101 18.92 2.27 10.94
CA ASN A 101 17.50 2.15 11.29
C ASN A 101 17.16 0.93 12.21
N LYS A 102 18.10 0.52 13.09
CA LYS A 102 17.99 -0.59 14.07
C LYS A 102 17.42 -1.91 13.46
N ARG A 103 17.82 -2.18 12.21
CA ARG A 103 17.41 -3.38 11.47
C ARG A 103 18.31 -4.58 11.85
N SER A 104 17.71 -5.78 11.84
CA SER A 104 18.32 -7.08 12.12
C SER A 104 18.70 -7.78 10.76
N PRO A 105 19.70 -8.71 10.67
CA PRO A 105 20.01 -9.33 9.36
C PRO A 105 18.82 -10.02 8.71
N LEU A 106 17.82 -10.41 9.51
CA LEU A 106 16.59 -11.01 9.02
C LEU A 106 15.79 -10.00 8.16
N HIS A 107 15.89 -8.68 8.47
CA HIS A 107 15.25 -7.63 7.67
C HIS A 107 15.88 -7.55 6.27
N ALA A 108 17.24 -7.56 6.20
CA ALA A 108 17.98 -7.47 4.94
C ALA A 108 17.75 -8.70 4.03
N ALA A 109 17.77 -9.91 4.63
CA ALA A 109 17.54 -11.19 3.96
C ALA A 109 16.11 -11.26 3.36
N ALA A 110 15.12 -10.72 4.10
CA ALA A 110 13.71 -10.65 3.73
C ALA A 110 13.49 -9.59 2.65
N GLU A 111 14.10 -8.39 2.83
CA GLU A 111 14.04 -7.27 1.87
C GLU A 111 14.59 -7.68 0.49
N ALA A 112 15.63 -8.55 0.46
CA ALA A 112 16.28 -9.04 -0.75
C ALA A 112 15.67 -10.37 -1.26
N GLY A 113 14.89 -11.05 -0.41
CA GLY A 113 14.16 -12.27 -0.76
C GLY A 113 14.90 -13.59 -0.67
N HIS A 114 15.96 -13.65 0.13
CA HIS A 114 16.82 -14.83 0.28
C HIS A 114 16.24 -15.83 1.32
N VAL A 115 15.32 -16.72 0.86
CA VAL A 115 14.60 -17.74 1.63
C VAL A 115 15.55 -18.71 2.32
N ASP A 116 16.68 -19.05 1.65
CA ASP A 116 17.73 -19.90 2.19
C ASP A 116 18.41 -19.21 3.40
N ILE A 117 18.73 -17.91 3.28
CA ILE A 117 19.38 -17.11 4.33
C ILE A 117 18.37 -16.93 5.47
N CYS A 118 17.13 -16.46 5.17
CA CYS A 118 16.03 -16.26 6.12
C CYS A 118 15.86 -17.47 7.05
N HIS A 119 15.83 -18.69 6.47
CA HIS A 119 15.71 -19.98 7.15
C HIS A 119 16.90 -20.26 8.06
N MET A 120 18.13 -19.99 7.57
CA MET A 120 19.35 -20.19 8.33
C MET A 120 19.40 -19.30 9.58
N LEU A 121 18.90 -18.06 9.46
CA LEU A 121 18.81 -17.10 10.56
C LEU A 121 17.80 -17.56 11.62
N VAL A 122 16.64 -18.09 11.18
CA VAL A 122 15.58 -18.58 12.06
C VAL A 122 16.05 -19.85 12.75
N GLN A 123 16.77 -20.73 12.02
CA GLN A 123 17.34 -21.96 12.58
C GLN A 123 18.45 -21.64 13.61
N ALA A 124 19.12 -20.47 13.43
CA ALA A 124 20.17 -20.02 14.34
C ALA A 124 19.56 -19.38 15.59
N GLY A 125 18.29 -18.98 15.49
CA GLY A 125 17.56 -18.40 16.62
C GLY A 125 17.15 -16.94 16.50
N ALA A 126 17.11 -16.39 15.26
CA ALA A 126 16.67 -15.00 15.03
C ALA A 126 15.18 -14.90 15.32
N ASN A 127 14.75 -13.74 15.87
CA ASN A 127 13.35 -13.45 16.17
C ASN A 127 12.67 -13.06 14.86
N ILE A 128 11.72 -13.91 14.42
CA ILE A 128 10.97 -13.78 13.17
C ILE A 128 10.12 -12.48 13.17
N ASP A 129 9.82 -11.90 14.35
CA ASP A 129 9.00 -10.69 14.47
C ASP A 129 9.78 -9.45 14.95
N THR A 130 11.10 -9.37 14.65
CA THR A 130 11.96 -8.22 15.01
C THR A 130 11.43 -6.93 14.36
N CYS A 131 11.55 -5.80 15.07
CA CYS A 131 11.11 -4.49 14.62
C CYS A 131 12.29 -3.55 14.38
N SER A 132 12.26 -2.80 13.27
CA SER A 132 13.27 -1.77 13.00
C SER A 132 12.83 -0.51 13.82
N GLU A 133 13.53 0.63 13.68
CA GLU A 133 13.16 1.85 14.40
C GLU A 133 11.76 2.31 13.99
N ASP A 134 11.40 2.11 12.70
CA ASP A 134 10.09 2.47 12.12
C ASP A 134 9.04 1.34 12.27
N GLN A 135 9.19 0.49 13.31
CA GLN A 135 8.34 -0.64 13.74
C GLN A 135 7.94 -1.58 12.57
N ARG A 136 8.91 -1.88 11.66
CA ARG A 136 8.72 -2.79 10.52
C ARG A 136 9.22 -4.21 10.87
N THR A 137 8.51 -5.24 10.40
CA THR A 137 8.86 -6.65 10.64
C THR A 137 9.46 -7.21 9.36
N PRO A 138 10.21 -8.34 9.38
CA PRO A 138 10.76 -8.86 8.12
C PRO A 138 9.67 -9.30 7.13
N LEU A 139 8.48 -9.71 7.64
CA LEU A 139 7.33 -10.10 6.82
C LEU A 139 6.90 -8.92 5.93
N MET A 140 6.92 -7.70 6.51
CA MET A 140 6.60 -6.44 5.83
C MET A 140 7.63 -6.13 4.73
N GLU A 141 8.93 -6.34 5.04
CA GLU A 141 10.07 -6.11 4.13
C GLU A 141 10.00 -7.01 2.91
N ALA A 142 9.61 -8.29 3.09
CA ALA A 142 9.45 -9.27 2.00
C ALA A 142 8.19 -8.98 1.15
N ALA A 143 7.09 -8.53 1.81
CA ALA A 143 5.81 -8.19 1.17
C ALA A 143 5.97 -6.95 0.29
N GLU A 144 6.62 -5.88 0.80
CA GLU A 144 6.84 -4.61 0.09
C GLU A 144 7.78 -4.73 -1.12
N ASN A 145 8.70 -5.71 -1.10
CA ASN A 145 9.70 -5.90 -2.14
C ASN A 145 9.39 -7.10 -3.02
N ASN A 146 8.17 -7.66 -2.89
CA ASN A 146 7.58 -8.73 -3.71
C ASN A 146 8.41 -10.00 -3.72
N HIS A 147 8.55 -10.62 -2.56
CA HIS A 147 9.31 -11.84 -2.39
C HIS A 147 8.39 -12.91 -1.81
N LEU A 148 7.47 -13.40 -2.66
CA LEU A 148 6.43 -14.37 -2.30
C LEU A 148 6.93 -15.60 -1.52
N GLU A 149 8.03 -16.22 -1.95
CA GLU A 149 8.52 -17.43 -1.28
C GLU A 149 9.09 -17.09 0.10
N ALA A 150 9.58 -15.84 0.30
CA ALA A 150 10.06 -15.37 1.61
C ALA A 150 8.86 -15.05 2.50
N VAL A 151 7.78 -14.47 1.91
CA VAL A 151 6.51 -14.16 2.57
C VAL A 151 5.93 -15.49 3.09
N LYS A 152 5.84 -16.50 2.19
CA LYS A 152 5.38 -17.86 2.46
C LYS A 152 6.21 -18.53 3.56
N TYR A 153 7.58 -18.42 3.50
CA TYR A 153 8.47 -19.01 4.52
C TYR A 153 8.23 -18.40 5.90
N LEU A 154 8.17 -17.06 5.98
CA LEU A 154 7.99 -16.32 7.23
C LEU A 154 6.61 -16.59 7.84
N ILE A 155 5.53 -16.63 7.02
CA ILE A 155 4.18 -16.91 7.52
C ILE A 155 4.12 -18.37 8.04
N LYS A 156 4.65 -19.34 7.25
CA LYS A 156 4.67 -20.76 7.62
C LYS A 156 5.61 -21.03 8.82
N ALA A 157 6.55 -20.11 9.15
CA ALA A 157 7.45 -20.23 10.32
C ALA A 157 6.74 -19.74 11.57
N GLY A 158 5.86 -18.75 11.38
CA GLY A 158 5.07 -18.17 12.47
C GLY A 158 5.10 -16.66 12.60
N ALA A 159 5.62 -15.95 11.57
CA ALA A 159 5.65 -14.47 11.58
C ALA A 159 4.25 -13.91 11.69
N LEU A 160 4.10 -12.90 12.55
CA LEU A 160 2.82 -12.24 12.79
C LEU A 160 2.47 -11.32 11.64
N VAL A 161 1.23 -11.43 11.16
CA VAL A 161 0.74 -10.66 10.01
C VAL A 161 0.18 -9.30 10.45
N ASP A 162 -0.39 -9.27 11.68
CA ASP A 162 -1.06 -8.18 12.38
C ASP A 162 -0.21 -6.92 12.67
N PRO A 163 1.14 -6.95 12.96
CA PRO A 163 1.84 -5.71 13.30
C PRO A 163 1.69 -4.55 12.30
N LYS A 164 1.73 -3.33 12.84
CA LYS A 164 1.61 -2.10 12.07
C LYS A 164 2.88 -1.27 12.26
N ASP A 165 3.36 -0.58 11.20
CA ASP A 165 4.56 0.25 11.32
C ASP A 165 4.21 1.62 11.93
N ALA A 166 5.16 2.59 11.83
CA ALA A 166 5.05 3.96 12.34
C ALA A 166 3.84 4.72 11.74
N GLU A 167 3.42 4.35 10.53
CA GLU A 167 2.31 4.96 9.82
C GLU A 167 1.03 4.13 9.96
N GLY A 168 1.09 3.02 10.70
CA GLY A 168 -0.05 2.14 10.95
C GLY A 168 -0.34 1.17 9.82
N SER A 169 0.64 0.97 8.94
CA SER A 169 0.62 0.09 7.78
C SER A 169 0.98 -1.35 8.15
N THR A 170 0.26 -2.32 7.55
CA THR A 170 0.52 -3.75 7.74
C THR A 170 1.20 -4.23 6.45
N CYS A 171 1.63 -5.50 6.38
CA CYS A 171 2.28 -6.05 5.20
C CYS A 171 1.31 -6.04 4.00
N LEU A 172 -0.01 -6.15 4.26
CA LEU A 172 -1.08 -6.10 3.26
C LEU A 172 -1.16 -4.69 2.63
N HIS A 173 -1.05 -3.61 3.44
CA HIS A 173 -1.06 -2.22 2.94
C HIS A 173 0.15 -2.01 2.04
N LEU A 174 1.32 -2.44 2.52
CA LEU A 174 2.61 -2.26 1.85
C LEU A 174 2.71 -3.01 0.53
N ALA A 175 2.04 -4.18 0.40
CA ALA A 175 2.08 -4.93 -0.85
C ALA A 175 1.04 -4.36 -1.83
N ALA A 176 -0.10 -3.86 -1.29
CA ALA A 176 -1.18 -3.23 -2.06
C ALA A 176 -0.69 -1.94 -2.71
N LYS A 177 -0.04 -1.07 -1.89
CA LYS A 177 0.59 0.21 -2.27
C LYS A 177 1.41 0.05 -3.57
N LYS A 178 2.29 -0.97 -3.63
CA LYS A 178 3.27 -1.23 -4.68
C LYS A 178 2.72 -2.10 -5.82
N GLY A 179 1.48 -2.56 -5.70
CA GLY A 179 0.79 -3.36 -6.71
C GLY A 179 1.18 -4.81 -6.83
N HIS A 180 1.77 -5.39 -5.78
CA HIS A 180 2.25 -6.78 -5.73
C HIS A 180 1.06 -7.75 -5.55
N TYR A 181 0.38 -8.06 -6.67
CA TYR A 181 -0.83 -8.90 -6.75
C TYR A 181 -0.65 -10.25 -6.09
N GLU A 182 0.46 -10.91 -6.45
CA GLU A 182 0.91 -12.25 -6.03
C GLU A 182 1.03 -12.40 -4.50
N VAL A 183 1.53 -11.36 -3.83
CA VAL A 183 1.72 -11.32 -2.39
C VAL A 183 0.39 -11.12 -1.71
N VAL A 184 -0.42 -10.17 -2.21
CA VAL A 184 -1.75 -9.86 -1.72
C VAL A 184 -2.62 -11.12 -1.83
N GLN A 185 -2.60 -11.80 -2.97
CA GLN A 185 -3.30 -13.05 -3.20
C GLN A 185 -2.96 -14.08 -2.10
N TYR A 186 -1.67 -14.22 -1.71
CA TYR A 186 -1.25 -15.18 -0.68
C TYR A 186 -1.71 -14.74 0.69
N LEU A 187 -1.53 -13.44 1.02
CA LEU A 187 -1.92 -12.85 2.32
C LEU A 187 -3.41 -12.98 2.59
N LEU A 188 -4.23 -12.95 1.52
CA LEU A 188 -5.68 -13.07 1.68
C LEU A 188 -6.09 -14.54 1.71
N SER A 189 -5.42 -15.40 0.93
CA SER A 189 -5.75 -16.82 0.92
C SER A 189 -5.19 -17.56 2.14
N ASN A 190 -3.86 -17.72 2.24
CA ASN A 190 -3.22 -18.47 3.32
C ASN A 190 -2.88 -17.56 4.52
N GLY A 191 -3.81 -16.69 4.84
CA GLY A 191 -3.65 -15.75 5.94
C GLY A 191 -4.97 -15.27 6.47
N GLN A 192 -4.96 -15.02 7.78
CA GLN A 192 -6.08 -14.47 8.49
C GLN A 192 -5.74 -12.97 8.64
N MET A 193 -5.82 -12.27 7.50
CA MET A 193 -5.55 -10.83 7.39
C MET A 193 -6.81 -10.10 7.05
N ASP A 194 -7.03 -8.97 7.72
CA ASP A 194 -8.20 -8.10 7.51
C ASP A 194 -8.09 -7.31 6.20
N VAL A 195 -8.99 -7.57 5.22
CA VAL A 195 -9.04 -6.87 3.90
C VAL A 195 -9.32 -5.36 4.06
N ASN A 196 -10.02 -4.98 5.14
CA ASN A 196 -10.40 -3.59 5.43
C ASN A 196 -9.58 -2.95 6.57
N CYS A 197 -8.32 -3.40 6.81
CA CYS A 197 -7.46 -2.79 7.82
C CYS A 197 -7.14 -1.35 7.42
N GLN A 198 -7.22 -0.40 8.36
CA GLN A 198 -6.96 1.02 8.09
C GLN A 198 -5.71 1.52 8.81
N ASP A 199 -4.88 2.35 8.12
CA ASP A 199 -3.65 2.90 8.69
C ASP A 199 -3.94 4.21 9.44
N ASP A 200 -2.90 5.01 9.74
CA ASP A 200 -3.07 6.24 10.51
C ASP A 200 -3.89 7.34 9.75
N GLY A 201 -4.01 7.24 8.43
CA GLY A 201 -4.84 8.17 7.63
C GLY A 201 -6.25 7.64 7.43
N GLY A 202 -6.47 6.46 8.01
CA GLY A 202 -7.71 5.70 7.94
C GLY A 202 -7.87 5.05 6.57
N TRP A 203 -6.75 4.82 5.86
CA TRP A 203 -6.71 4.27 4.51
C TRP A 203 -6.60 2.76 4.51
N THR A 204 -7.38 2.12 3.62
CA THR A 204 -7.45 0.66 3.45
C THR A 204 -6.50 0.20 2.34
N PRO A 205 -6.12 -1.10 2.24
CA PRO A 205 -5.23 -1.50 1.13
C PRO A 205 -5.79 -1.13 -0.25
N MET A 206 -7.12 -1.19 -0.42
CA MET A 206 -7.83 -0.82 -1.63
C MET A 206 -7.60 0.64 -2.00
N ILE A 207 -7.67 1.55 -1.01
CA ILE A 207 -7.50 2.98 -1.27
C ILE A 207 -6.09 3.22 -1.85
N TRP A 208 -5.04 2.61 -1.24
CA TRP A 208 -3.67 2.69 -1.71
C TRP A 208 -3.54 2.11 -3.10
N ALA A 209 -4.14 0.93 -3.33
CA ALA A 209 -4.11 0.25 -4.63
C ALA A 209 -4.75 1.14 -5.71
N THR A 210 -5.90 1.76 -5.40
CA THR A 210 -6.65 2.68 -6.26
C THR A 210 -5.79 3.89 -6.65
N GLU A 211 -5.23 4.59 -5.65
CA GLU A 211 -4.37 5.77 -5.82
C GLU A 211 -3.18 5.49 -6.75
N TYR A 212 -2.61 4.27 -6.70
CA TYR A 212 -1.46 3.94 -7.54
C TYR A 212 -1.87 3.16 -8.80
N LYS A 213 -3.17 3.14 -9.08
CA LYS A 213 -3.83 2.62 -10.27
C LYS A 213 -3.50 1.14 -10.53
N HIS A 214 -3.65 0.29 -9.51
CA HIS A 214 -3.39 -1.15 -9.64
C HIS A 214 -4.76 -1.82 -9.77
N VAL A 215 -5.28 -1.86 -11.02
CA VAL A 215 -6.66 -2.27 -11.38
C VAL A 215 -6.96 -3.72 -10.96
N ASP A 216 -6.20 -4.71 -11.42
CA ASP A 216 -6.44 -6.12 -11.07
C ASP A 216 -6.32 -6.35 -9.55
N LEU A 217 -5.51 -5.53 -8.86
CA LEU A 217 -5.33 -5.61 -7.41
C LEU A 217 -6.59 -5.13 -6.67
N VAL A 218 -7.19 -3.99 -7.12
CA VAL A 218 -8.45 -3.46 -6.61
C VAL A 218 -9.53 -4.52 -6.80
N LYS A 219 -9.57 -5.14 -7.97
CA LYS A 219 -10.51 -6.22 -8.31
C LYS A 219 -10.36 -7.43 -7.37
N LEU A 220 -9.09 -7.81 -7.05
CA LEU A 220 -8.76 -8.93 -6.16
C LEU A 220 -9.29 -8.61 -4.77
N LEU A 221 -9.00 -7.40 -4.24
CA LEU A 221 -9.49 -6.97 -2.92
C LEU A 221 -11.03 -6.92 -2.89
N LEU A 222 -11.67 -6.44 -3.99
CA LEU A 222 -13.12 -6.39 -4.11
C LEU A 222 -13.76 -7.76 -3.98
N SER A 223 -13.16 -8.75 -4.64
CA SER A 223 -13.60 -10.15 -4.64
C SER A 223 -13.37 -10.84 -3.27
N LYS A 224 -12.51 -10.28 -2.40
CA LYS A 224 -12.19 -10.91 -1.12
C LYS A 224 -12.86 -10.18 0.07
N GLY A 225 -13.86 -9.36 -0.22
CA GLY A 225 -14.65 -8.67 0.80
C GLY A 225 -14.29 -7.25 1.18
N SER A 226 -13.52 -6.56 0.33
CA SER A 226 -13.16 -5.15 0.60
C SER A 226 -14.42 -4.30 0.47
N ASP A 227 -14.71 -3.49 1.51
CA ASP A 227 -15.89 -2.63 1.62
C ASP A 227 -15.67 -1.33 0.85
N ILE A 228 -16.54 -1.07 -0.15
CA ILE A 228 -16.44 0.12 -1.02
C ILE A 228 -16.84 1.41 -0.27
N ASN A 229 -17.51 1.28 0.88
CA ASN A 229 -17.99 2.41 1.65
C ASN A 229 -17.10 2.84 2.86
N ILE A 230 -15.99 2.14 3.20
CA ILE A 230 -15.13 2.56 4.32
C ILE A 230 -14.74 4.04 4.12
N ARG A 231 -14.85 4.86 5.17
N ARG A 231 -14.82 4.84 5.18
CA ARG A 231 -14.48 6.27 5.09
CA ARG A 231 -14.46 6.25 5.15
C ARG A 231 -13.12 6.49 5.78
C ARG A 231 -13.08 6.44 5.76
N ASP A 232 -12.23 7.28 5.14
CA ASP A 232 -10.91 7.60 5.70
C ASP A 232 -11.07 8.80 6.70
N ASN A 233 -9.99 9.26 7.35
CA ASN A 233 -10.01 10.35 8.35
C ASN A 233 -10.37 11.71 7.74
N GLU A 234 -10.32 11.84 6.41
CA GLU A 234 -10.75 13.04 5.68
C GLU A 234 -12.14 12.82 4.99
N GLU A 235 -12.84 11.71 5.35
CA GLU A 235 -14.21 11.35 4.93
C GLU A 235 -14.33 11.00 3.43
N ASN A 236 -13.24 10.50 2.86
CA ASN A 236 -13.19 10.06 1.48
C ASN A 236 -13.51 8.58 1.43
N ILE A 237 -14.12 8.15 0.34
CA ILE A 237 -14.34 6.75 0.04
C ILE A 237 -13.37 6.44 -1.10
N CYS A 238 -13.26 5.19 -1.51
CA CYS A 238 -12.36 4.77 -2.58
C CYS A 238 -12.58 5.56 -3.88
N LEU A 239 -13.85 5.89 -4.24
CA LEU A 239 -14.22 6.63 -5.47
C LEU A 239 -13.57 8.02 -5.54
N HIS A 240 -13.38 8.71 -4.40
CA HIS A 240 -12.69 10.00 -4.35
C HIS A 240 -11.20 9.82 -4.72
N TRP A 241 -10.59 8.67 -4.35
CA TRP A 241 -9.21 8.35 -4.68
C TRP A 241 -9.05 7.90 -6.09
N ALA A 242 -10.10 7.25 -6.67
CA ALA A 242 -10.08 6.85 -8.10
C ALA A 242 -10.15 8.12 -8.94
N ALA A 243 -10.95 9.11 -8.49
CA ALA A 243 -11.09 10.44 -9.09
C ALA A 243 -9.76 11.24 -8.99
N PHE A 244 -9.07 11.11 -7.86
CA PHE A 244 -7.78 11.77 -7.59
C PHE A 244 -6.67 11.23 -8.51
N SER A 245 -6.52 9.88 -8.56
CA SER A 245 -5.52 9.15 -9.35
C SER A 245 -5.78 9.27 -10.85
N GLY A 246 -7.06 9.38 -11.23
CA GLY A 246 -7.47 9.46 -12.62
C GLY A 246 -7.61 8.09 -13.21
N CYS A 247 -8.05 7.12 -12.37
CA CYS A 247 -8.23 5.75 -12.81
C CYS A 247 -9.68 5.51 -13.17
N VAL A 248 -10.01 5.67 -14.48
CA VAL A 248 -11.35 5.50 -15.06
C VAL A 248 -11.81 4.05 -14.94
N ASP A 249 -10.89 3.09 -15.10
CA ASP A 249 -11.17 1.65 -14.97
C ASP A 249 -11.66 1.29 -13.55
N ILE A 250 -10.95 1.77 -12.50
CA ILE A 250 -11.34 1.54 -11.10
C ILE A 250 -12.64 2.33 -10.78
N ALA A 251 -12.69 3.62 -11.19
CA ALA A 251 -13.85 4.47 -10.96
C ALA A 251 -15.15 3.85 -11.56
N GLU A 252 -15.03 3.19 -12.71
CA GLU A 252 -16.12 2.48 -13.39
C GLU A 252 -16.57 1.27 -12.54
N ILE A 253 -15.61 0.44 -12.12
CA ILE A 253 -15.87 -0.77 -11.33
C ILE A 253 -16.60 -0.44 -10.02
N LEU A 254 -16.19 0.65 -9.33
CA LEU A 254 -16.80 1.10 -8.08
C LEU A 254 -18.22 1.57 -8.31
N LEU A 255 -18.47 2.31 -9.41
CA LEU A 255 -19.82 2.80 -9.75
C LEU A 255 -20.78 1.66 -10.08
N ALA A 256 -20.28 0.58 -10.74
CA ALA A 256 -21.08 -0.61 -11.08
C ALA A 256 -21.55 -1.29 -9.78
N ALA A 257 -20.66 -1.31 -8.74
CA ALA A 257 -20.90 -1.82 -7.37
C ALA A 257 -21.90 -0.92 -6.59
N LYS A 258 -22.51 0.04 -7.32
CA LYS A 258 -23.54 1.02 -6.94
C LYS A 258 -23.05 1.96 -5.83
N CYS A 259 -21.84 2.52 -6.02
CA CYS A 259 -21.21 3.51 -5.15
C CYS A 259 -21.89 4.85 -5.42
N ASP A 260 -22.02 5.68 -4.38
CA ASP A 260 -22.66 6.98 -4.53
C ASP A 260 -21.70 7.98 -5.19
N LEU A 261 -22.10 8.41 -6.38
CA LEU A 261 -21.42 9.38 -7.24
C LEU A 261 -21.39 10.78 -6.60
N HIS A 262 -22.27 11.04 -5.60
CA HIS A 262 -22.38 12.34 -4.96
C HIS A 262 -21.89 12.30 -3.47
N ALA A 263 -21.09 11.27 -3.12
CA ALA A 263 -20.46 11.15 -1.79
C ALA A 263 -19.48 12.31 -1.66
N VAL A 264 -19.47 12.97 -0.49
CA VAL A 264 -18.60 14.13 -0.30
C VAL A 264 -17.60 13.89 0.86
N ASN A 265 -16.42 14.51 0.78
CA ASN A 265 -15.43 14.36 1.83
C ASN A 265 -15.54 15.54 2.86
N ILE A 266 -14.54 15.70 3.75
CA ILE A 266 -14.49 16.72 4.81
C ILE A 266 -14.41 18.16 4.21
N HIS A 267 -14.12 18.28 2.91
CA HIS A 267 -14.01 19.58 2.24
C HIS A 267 -15.25 19.86 1.40
N GLY A 268 -16.17 18.89 1.36
CA GLY A 268 -17.41 18.95 0.59
C GLY A 268 -17.25 18.53 -0.85
N ASP A 269 -16.06 18.04 -1.21
CA ASP A 269 -15.72 17.61 -2.56
C ASP A 269 -16.36 16.29 -2.94
N SER A 270 -17.06 16.29 -4.07
CA SER A 270 -17.66 15.13 -4.70
C SER A 270 -16.53 14.55 -5.58
N PRO A 271 -16.62 13.30 -6.09
CA PRO A 271 -15.55 12.82 -6.99
C PRO A 271 -15.30 13.73 -8.20
N LEU A 272 -16.34 14.43 -8.72
CA LEU A 272 -16.26 15.38 -9.84
C LEU A 272 -15.42 16.62 -9.48
N HIS A 273 -15.48 17.09 -8.21
CA HIS A 273 -14.66 18.21 -7.74
C HIS A 273 -13.19 17.82 -7.77
N ILE A 274 -12.90 16.60 -7.28
CA ILE A 274 -11.57 16.01 -7.16
C ILE A 274 -10.99 15.68 -8.57
N ALA A 275 -11.79 15.10 -9.46
CA ALA A 275 -11.37 14.78 -10.82
C ALA A 275 -11.03 16.04 -11.63
N ALA A 276 -11.83 17.12 -11.48
CA ALA A 276 -11.62 18.38 -12.19
C ALA A 276 -10.36 19.11 -11.70
N ARG A 277 -10.15 19.11 -10.36
CA ARG A 277 -8.99 19.74 -9.72
C ARG A 277 -7.69 19.05 -10.13
N GLU A 278 -7.70 17.71 -10.14
CA GLU A 278 -6.55 16.87 -10.46
C GLU A 278 -6.36 16.72 -11.99
N ASN A 279 -7.24 17.39 -12.77
CA ASN A 279 -7.28 17.46 -14.23
C ASN A 279 -7.26 16.05 -14.84
N ARG A 280 -8.23 15.23 -14.41
CA ARG A 280 -8.42 13.86 -14.87
C ARG A 280 -9.64 13.86 -15.81
N TYR A 281 -9.41 14.28 -17.07
CA TYR A 281 -10.45 14.44 -18.10
C TYR A 281 -11.30 13.20 -18.28
N ASP A 282 -10.66 12.02 -18.42
CA ASP A 282 -11.32 10.75 -18.63
C ASP A 282 -12.34 10.42 -17.51
N CYS A 283 -12.00 10.76 -16.25
CA CYS A 283 -12.85 10.58 -15.06
C CYS A 283 -14.00 11.54 -15.09
N VAL A 284 -13.71 12.84 -15.37
CA VAL A 284 -14.69 13.94 -15.49
C VAL A 284 -15.78 13.51 -16.48
N VAL A 285 -15.38 13.04 -17.68
CA VAL A 285 -16.25 12.57 -18.75
C VAL A 285 -17.14 11.41 -18.25
N LEU A 286 -16.53 10.41 -17.55
CA LEU A 286 -17.28 9.28 -16.99
C LEU A 286 -18.34 9.80 -16.01
N PHE A 287 -17.96 10.67 -15.08
CA PHE A 287 -18.87 11.23 -14.08
C PHE A 287 -19.97 12.09 -14.74
N LEU A 288 -19.65 12.87 -15.80
CA LEU A 288 -20.66 13.67 -16.49
C LEU A 288 -21.68 12.75 -17.17
N SER A 289 -21.22 11.62 -17.78
CA SER A 289 -22.08 10.64 -18.43
C SER A 289 -23.01 9.90 -17.43
N ARG A 290 -22.63 9.89 -16.13
CA ARG A 290 -23.41 9.28 -15.04
C ARG A 290 -24.30 10.33 -14.36
N ASP A 291 -24.44 11.52 -14.98
CA ASP A 291 -25.23 12.69 -14.55
C ASP A 291 -24.82 13.17 -13.15
N SER A 292 -23.49 13.36 -12.94
CA SER A 292 -22.92 13.92 -11.72
C SER A 292 -23.32 15.41 -11.68
N ASP A 293 -23.59 15.95 -10.48
CA ASP A 293 -24.02 17.33 -10.31
C ASP A 293 -22.91 18.34 -10.56
N VAL A 294 -23.09 19.17 -11.59
CA VAL A 294 -22.21 20.25 -12.05
C VAL A 294 -22.41 21.52 -11.19
N THR A 295 -23.52 21.58 -10.44
CA THR A 295 -23.89 22.74 -9.60
C THR A 295 -23.46 22.61 -8.14
N LEU A 296 -23.29 21.36 -7.62
CA LEU A 296 -22.93 21.08 -6.22
C LEU A 296 -21.68 21.85 -5.78
N LYS A 297 -21.84 22.65 -4.73
CA LYS A 297 -20.80 23.50 -4.17
C LYS A 297 -20.18 22.79 -2.97
N ASN A 298 -18.83 22.83 -2.85
CA ASN A 298 -18.10 22.22 -1.73
C ASN A 298 -18.23 23.12 -0.46
N LYS A 299 -17.32 22.98 0.53
CA LYS A 299 -17.42 23.81 1.72
C LYS A 299 -16.95 25.26 1.46
N GLU A 300 -15.96 25.46 0.56
CA GLU A 300 -15.46 26.82 0.21
C GLU A 300 -16.48 27.57 -0.70
N GLY A 301 -17.44 26.83 -1.28
CA GLY A 301 -18.48 27.37 -2.14
C GLY A 301 -18.23 27.18 -3.63
N GLU A 302 -17.15 26.46 -3.97
CA GLU A 302 -16.73 26.20 -5.35
C GLU A 302 -17.46 25.01 -6.01
N THR A 303 -17.86 25.20 -7.28
CA THR A 303 -18.47 24.17 -8.13
C THR A 303 -17.29 23.37 -8.75
N PRO A 304 -17.49 22.16 -9.35
CA PRO A 304 -16.33 21.45 -9.94
C PRO A 304 -15.60 22.26 -11.02
N LEU A 305 -16.35 23.13 -11.77
CA LEU A 305 -15.85 24.04 -12.81
C LEU A 305 -14.87 25.07 -12.22
N GLN A 306 -15.16 25.55 -10.99
CA GLN A 306 -14.32 26.51 -10.25
C GLN A 306 -13.01 25.88 -9.74
N CYS A 307 -12.91 24.52 -9.76
CA CYS A 307 -11.73 23.77 -9.30
C CYS A 307 -10.79 23.46 -10.46
N ALA A 308 -11.32 23.43 -11.70
CA ALA A 308 -10.59 23.12 -12.92
C ALA A 308 -9.50 24.15 -13.24
N SER A 309 -8.46 23.73 -14.02
CA SER A 309 -7.36 24.56 -14.49
C SER A 309 -7.85 25.48 -15.62
N LEU A 310 -7.52 26.79 -15.57
CA LEU A 310 -7.95 27.77 -16.57
C LEU A 310 -7.40 27.45 -17.96
N ASN A 311 -8.29 27.46 -18.98
CA ASN A 311 -8.03 27.18 -20.40
C ASN A 311 -7.50 25.74 -20.60
N SER A 312 -8.15 24.73 -19.98
CA SER A 312 -7.81 23.31 -20.10
C SER A 312 -8.96 22.49 -20.71
N GLN A 313 -8.67 21.21 -21.10
CA GLN A 313 -9.64 20.26 -21.68
C GLN A 313 -10.80 19.98 -20.71
N VAL A 314 -10.48 19.87 -19.40
CA VAL A 314 -11.44 19.67 -18.31
C VAL A 314 -12.32 20.93 -18.23
N TRP A 315 -11.69 22.12 -18.23
CA TRP A 315 -12.35 23.42 -18.20
C TRP A 315 -13.32 23.53 -19.38
N SER A 316 -12.87 23.21 -20.62
CA SER A 316 -13.65 23.26 -21.86
C SER A 316 -14.89 22.36 -21.79
N ALA A 317 -14.75 21.15 -21.21
CA ALA A 317 -15.84 20.19 -21.03
C ALA A 317 -16.86 20.65 -19.95
N LEU A 318 -16.35 21.17 -18.82
CA LEU A 318 -17.16 21.65 -17.69
C LEU A 318 -17.92 22.93 -18.02
N GLN A 319 -17.30 23.87 -18.78
CA GLN A 319 -17.91 25.13 -19.21
C GLN A 319 -19.02 24.86 -20.26
N MET A 320 -18.90 23.72 -20.98
CA MET A 320 -19.87 23.28 -21.99
C MET A 320 -21.08 22.64 -21.30
N SER A 321 -20.83 21.72 -20.35
CA SER A 321 -21.85 21.03 -19.56
C SER A 321 -22.74 22.04 -18.81
N LYS A 322 -22.12 23.11 -18.26
CA LYS A 322 -22.81 24.17 -17.52
C LYS A 322 -23.75 24.99 -18.41
N ALA A 323 -23.31 25.37 -19.63
CA ALA A 323 -24.11 26.15 -20.58
C ALA A 323 -25.26 25.36 -21.20
N LEU A 324 -25.09 24.03 -21.33
CA LEU A 324 -26.09 23.14 -21.94
C LEU A 324 -27.19 22.73 -20.96
N GLN A 325 -26.88 22.60 -19.66
CA GLN A 325 -27.88 22.19 -18.66
C GLN A 325 -28.81 23.34 -18.25
N ASP A 326 -28.33 24.61 -18.39
CA ASP A 326 -29.02 25.87 -18.07
C ASP A 326 -30.47 25.95 -18.57
N SER A 327 -30.75 25.34 -19.75
CA SER A 327 -32.08 25.28 -20.36
C SER A 327 -32.22 24.04 -21.24
UNK UNX B . -2.19 9.05 0.08
UNK UNX C . -6.88 -4.65 -16.00
#